data_2H39
#
_entry.id   2H39
#
_cell.length_a   61.318
_cell.length_b   95.454
_cell.length_c   110.504
_cell.angle_alpha   90.00
_cell.angle_beta   90.00
_cell.angle_gamma   90.00
#
_symmetry.space_group_name_H-M   'P 21 21 21'
#
loop_
_entity.id
_entity.type
_entity.pdbx_description
1 polymer 'Probable galactose-1-phosphate uridyl transferase'
2 non-polymer 'ZINC ION'
3 non-polymer 'CHLORIDE ION'
4 non-polymer "ADENOSINE-5'-DIPHOSPHATE-GLUCOSE"
5 water water
#
_entity_poly.entity_id   1
_entity_poly.type   'polypeptide(L)'
_entity_poly.pdbx_seq_one_letter_code
;MTSPSHASDRGGGDGDSVENQSPELRKDPVTNRWVIFSPARAKRPTDFKSKSPQNPNPKPSSCPFCIGREQECAPELFRV
PDHDPNWKLRVIENLYPALSRNLETQSTQPETGTSRTIVGFGFHDVVIESPVHSIQLSDIDPVGIGDILIAYKKRINQIA
QHDSINYIQVFKNQGASAGASMSHSGSQMMALPVVPPTVSSRLDGTKDYFEETGKCCLCEAKSKHFVIDESSHFVSVAPF
AATYPFEIWIIPKDHSSHFHHLDDVKAVDLGGLLKLMLQKIAKQLNDPPYNYMIHTSPLKVTESQLPYTHWFLQIVPQLS
GVGGFEIGTGCYINPVFPEDVAKVMREVSLT
;
_entity_poly.pdbx_strand_id   A,B
#
# COMPACT_ATOMS: atom_id res chain seq x y z
N SER A 22 -24.03 -1.23 6.11
CA SER A 22 -24.28 -1.11 4.60
C SER A 22 -23.21 -0.32 3.80
N PRO A 23 -22.62 -0.97 2.76
CA PRO A 23 -21.32 -0.52 2.23
C PRO A 23 -21.46 0.71 1.33
N GLU A 24 -20.37 1.46 1.17
CA GLU A 24 -20.39 2.74 0.52
C GLU A 24 -19.01 3.11 -0.01
N LEU A 25 -18.97 3.83 -1.13
CA LEU A 25 -17.69 4.39 -1.59
C LEU A 25 -17.61 5.92 -1.40
N ARG A 26 -16.46 6.37 -0.91
CA ARG A 26 -16.23 7.76 -0.57
C ARG A 26 -14.88 8.19 -1.12
N LYS A 27 -14.82 9.45 -1.53
CA LYS A 27 -13.64 10.01 -2.15
C LYS A 27 -13.29 11.31 -1.45
N ASP A 28 -12.05 11.72 -1.56
CA ASP A 28 -11.62 12.94 -0.98
C ASP A 28 -10.54 13.52 -1.91
N PRO A 29 -10.52 14.83 -2.12
CA PRO A 29 -9.54 15.50 -2.98
C PRO A 29 -8.09 15.22 -2.56
N VAL A 30 -7.86 15.08 -1.25
CA VAL A 30 -6.54 14.79 -0.65
C VAL A 30 -5.96 13.39 -1.02
N THR A 31 -6.77 12.33 -0.94
CA THR A 31 -6.34 11.01 -1.39
C THR A 31 -6.48 10.90 -2.92
N ASN A 32 -7.44 11.68 -3.43
CA ASN A 32 -7.87 11.66 -4.83
C ASN A 32 -8.26 10.22 -5.25
N ARG A 33 -8.89 9.48 -4.33
CA ARG A 33 -9.26 8.12 -4.63
C ARG A 33 -10.47 7.64 -3.85
N TRP A 34 -11.23 6.72 -4.45
CA TRP A 34 -12.30 6.07 -3.73
C TRP A 34 -11.72 5.10 -2.67
N VAL A 35 -12.41 5.01 -1.54
CA VAL A 35 -12.23 3.94 -0.58
C VAL A 35 -13.60 3.29 -0.37
N ILE A 36 -13.60 2.01 -0.06
CA ILE A 36 -14.79 1.22 0.17
C ILE A 36 -14.94 1.11 1.67
N PHE A 37 -16.04 1.65 2.22
CA PHE A 37 -16.44 1.35 3.60
C PHE A 37 -17.36 0.12 3.68
N SER A 38 -16.98 -0.85 4.48
CA SER A 38 -17.79 -2.04 4.60
C SER A 38 -17.69 -2.63 6.01
N PRO A 39 -18.57 -2.14 6.93
CA PRO A 39 -18.60 -2.67 8.31
C PRO A 39 -18.85 -4.18 8.40
N ALA A 40 -19.57 -4.80 7.46
CA ALA A 40 -19.75 -6.29 7.58
C ALA A 40 -18.47 -7.08 7.61
N ARG A 41 -17.41 -6.49 7.05
CA ARG A 41 -16.15 -7.18 6.86
C ARG A 41 -15.56 -7.52 8.21
N ALA A 42 -15.83 -6.67 9.20
CA ALA A 42 -15.37 -6.91 10.56
C ALA A 42 -16.03 -8.13 11.26
N LYS A 43 -17.07 -8.75 10.64
CA LYS A 43 -17.76 -9.92 11.18
C LYS A 43 -17.24 -11.25 10.70
N ARG A 44 -16.48 -11.24 9.60
CA ARG A 44 -16.02 -12.52 9.03
C ARG A 44 -15.20 -13.25 10.09
N PRO A 45 -15.22 -14.61 10.08
CA PRO A 45 -14.36 -15.33 10.99
C PRO A 45 -12.93 -15.43 10.45
N THR A 46 -11.99 -15.78 11.33
CA THR A 46 -10.65 -16.17 10.93
C THR A 46 -10.20 -17.51 11.53
N ASP A 47 -9.50 -18.33 10.72
CA ASP A 47 -8.77 -19.53 11.19
C ASP A 47 -7.43 -19.21 11.89
N PHE A 48 -7.01 -17.96 11.89
CA PHE A 48 -5.69 -17.58 12.38
C PHE A 48 -5.80 -16.63 13.57
N SER A 62 18.49 -0.67 27.52
CA SER A 62 19.42 0.16 26.74
C SER A 62 19.55 -0.26 25.25
N CYS A 63 20.01 0.67 24.38
CA CYS A 63 20.23 0.40 22.95
C CYS A 63 21.19 1.43 22.38
N PRO A 64 21.64 1.26 21.12
CA PRO A 64 22.54 2.26 20.54
C PRO A 64 22.07 3.73 20.45
N PHE A 65 20.77 3.99 20.66
CA PHE A 65 20.25 5.37 20.59
C PHE A 65 20.23 6.08 21.96
N CYS A 66 20.42 5.30 23.04
CA CYS A 66 20.45 5.84 24.42
C CYS A 66 21.66 6.72 24.68
N ILE A 67 21.50 7.65 25.62
CA ILE A 67 22.49 8.75 25.82
C ILE A 67 23.91 8.24 26.24
N GLY A 68 24.96 8.71 25.57
CA GLY A 68 26.30 8.18 25.83
C GLY A 68 26.77 7.08 24.87
N ARG A 69 25.80 6.42 24.21
CA ARG A 69 26.09 5.37 23.20
C ARG A 69 26.22 5.91 21.79
N GLU A 70 26.22 7.24 21.68
CA GLU A 70 26.32 8.00 20.42
C GLU A 70 27.42 7.56 19.46
N GLN A 71 28.45 6.88 19.99
CA GLN A 71 29.51 6.28 19.14
C GLN A 71 28.99 5.05 18.40
N GLU A 72 28.02 4.34 18.99
CA GLU A 72 27.30 3.27 18.30
C GLU A 72 26.29 3.74 17.20
N CYS A 73 26.24 5.05 16.93
CA CYS A 73 25.29 5.64 15.95
C CYS A 73 26.03 6.21 14.74
N ALA A 74 25.32 6.37 13.64
CA ALA A 74 25.86 7.12 12.50
C ALA A 74 26.02 8.61 12.88
N PRO A 75 26.80 9.36 12.08
CA PRO A 75 27.07 10.75 12.38
C PRO A 75 25.85 11.69 12.68
N GLU A 76 25.98 12.39 13.80
CA GLU A 76 25.04 13.42 14.22
C GLU A 76 24.92 14.52 13.22
N LEU A 77 23.69 15.00 13.07
CA LEU A 77 23.45 16.17 12.23
C LEU A 77 23.29 17.36 13.14
N PHE A 78 22.49 17.19 14.20
CA PHE A 78 22.44 18.16 15.29
C PHE A 78 21.77 17.53 16.48
N ARG A 79 21.73 18.29 17.55
CA ARG A 79 21.04 17.86 18.74
C ARG A 79 20.27 19.05 19.29
N VAL A 80 19.43 18.76 20.28
CA VAL A 80 18.66 19.76 21.01
C VAL A 80 18.74 19.36 22.50
N PRO A 81 19.18 20.30 23.40
CA PRO A 81 19.67 21.64 23.02
C PRO A 81 20.95 21.64 22.19
N ASP A 82 21.16 22.71 21.42
CA ASP A 82 22.23 22.73 20.44
C ASP A 82 23.65 22.66 21.03
N HIS A 83 24.30 21.51 20.79
CA HIS A 83 25.66 21.20 21.22
C HIS A 83 25.78 20.85 22.72
N ASP A 84 24.63 20.57 23.35
CA ASP A 84 24.52 20.18 24.75
C ASP A 84 24.75 18.68 24.93
N PRO A 85 25.68 18.29 25.81
CA PRO A 85 25.89 16.88 26.21
C PRO A 85 24.70 16.28 26.95
N ASN A 86 23.96 17.14 27.64
CA ASN A 86 22.70 16.73 28.23
C ASN A 86 21.57 16.95 27.19
N TRP A 87 21.65 16.19 26.08
CA TRP A 87 20.70 16.29 24.95
C TRP A 87 19.31 15.72 25.27
N LYS A 88 18.31 16.26 24.58
CA LYS A 88 16.90 15.90 24.79
C LYS A 88 16.45 15.11 23.56
N LEU A 89 17.01 15.50 22.42
CA LEU A 89 16.76 14.83 21.15
C LEU A 89 17.96 15.05 20.26
N ARG A 90 18.17 14.11 19.34
CA ARG A 90 19.22 14.15 18.31
C ARG A 90 18.64 13.76 16.95
N VAL A 91 19.17 14.38 15.91
CA VAL A 91 18.87 14.00 14.54
C VAL A 91 20.20 13.49 14.02
N ILE A 92 20.21 12.27 13.53
CA ILE A 92 21.45 11.64 13.05
C ILE A 92 21.17 10.99 11.71
N GLU A 93 22.25 10.62 11.01
CA GLU A 93 22.18 9.88 9.75
C GLU A 93 21.66 8.49 10.02
N ASN A 94 20.92 7.92 9.07
CA ASN A 94 20.51 6.53 9.19
C ASN A 94 21.67 5.60 8.81
N LEU A 95 21.93 4.60 9.64
CA LEU A 95 23.09 3.70 9.45
C LEU A 95 22.90 2.82 8.21
N TYR A 96 21.66 2.35 8.00
CA TYR A 96 21.32 1.50 6.85
C TYR A 96 20.38 2.27 5.92
N PRO A 97 20.93 3.21 5.14
CA PRO A 97 20.04 4.14 4.45
C PRO A 97 19.33 3.59 3.21
N ALA A 98 18.08 4.00 2.99
CA ALA A 98 17.35 3.64 1.80
C ALA A 98 17.94 4.36 0.60
N LEU A 99 18.44 5.57 0.84
CA LEU A 99 18.96 6.41 -0.22
C LEU A 99 20.26 7.02 0.29
N SER A 100 21.26 7.14 -0.59
CA SER A 100 22.58 7.60 -0.23
C SER A 100 22.85 9.12 -0.36
N ARG A 101 23.17 9.77 0.76
CA ARG A 101 23.51 11.20 0.74
C ARG A 101 24.86 11.49 0.02
N ASN A 102 25.55 10.43 -0.39
CA ASN A 102 26.81 10.60 -1.07
C ASN A 102 26.78 10.51 -2.57
N LEU A 103 25.59 10.48 -3.16
CA LEU A 103 25.45 10.33 -4.61
C LEU A 103 24.87 11.57 -5.24
N GLU A 104 25.05 12.72 -4.58
CA GLU A 104 24.39 13.96 -5.04
C GLU A 104 24.86 14.50 -6.39
N THR A 105 26.16 14.47 -6.65
CA THR A 105 26.66 15.09 -7.87
C THR A 105 26.20 14.27 -9.04
N GLN A 106 26.12 12.95 -8.88
CA GLN A 106 25.51 12.07 -9.91
C GLN A 106 23.98 12.22 -9.98
N SER A 107 23.42 12.91 -8.98
CA SER A 107 22.03 13.42 -8.94
C SER A 107 21.20 12.70 -7.90
N ARG A 116 14.39 5.45 -17.14
CA ARG A 116 13.88 4.33 -16.32
C ARG A 116 14.74 4.06 -15.04
N THR A 117 15.91 4.69 -14.98
CA THR A 117 16.76 4.64 -13.77
C THR A 117 17.33 6.02 -13.40
N ILE A 118 17.35 6.33 -12.11
CA ILE A 118 18.16 7.45 -11.57
C ILE A 118 19.02 6.96 -10.36
N VAL A 119 20.16 7.61 -10.07
CA VAL A 119 20.99 7.17 -8.92
C VAL A 119 20.21 7.29 -7.61
N GLY A 120 20.49 6.40 -6.66
CA GLY A 120 19.76 6.37 -5.39
C GLY A 120 20.25 7.44 -4.43
N PHE A 121 20.22 8.68 -4.88
CA PHE A 121 20.56 9.80 -4.02
C PHE A 121 19.36 10.28 -3.16
N GLY A 122 19.61 10.62 -1.90
CA GLY A 122 18.62 11.27 -1.02
C GLY A 122 19.26 11.32 0.34
N PHE A 123 18.51 11.80 1.34
CA PHE A 123 18.92 11.81 2.75
C PHE A 123 17.96 11.00 3.57
N HIS A 124 18.55 10.12 4.36
CA HIS A 124 17.81 9.29 5.23
C HIS A 124 18.34 9.51 6.66
N ASP A 125 17.52 10.17 7.47
CA ASP A 125 17.86 10.63 8.80
C ASP A 125 16.93 10.03 9.86
N VAL A 126 17.49 9.83 11.06
CA VAL A 126 16.75 9.33 12.20
C VAL A 126 16.62 10.47 13.22
N VAL A 127 15.44 10.58 13.85
CA VAL A 127 15.21 11.56 14.90
C VAL A 127 15.01 10.75 16.16
N ILE A 128 16.00 10.79 17.05
CA ILE A 128 15.94 10.11 18.36
C ILE A 128 15.22 11.05 19.34
N GLU A 129 14.14 10.55 19.94
CA GLU A 129 13.14 11.45 20.54
C GLU A 129 13.32 11.61 22.03
N SER A 130 14.24 10.82 22.57
CA SER A 130 14.43 10.73 24.01
C SER A 130 15.86 10.28 24.31
N PRO A 131 16.46 10.83 25.40
CA PRO A 131 17.74 10.29 25.92
C PRO A 131 17.57 8.91 26.52
N VAL A 132 16.34 8.61 26.93
CA VAL A 132 15.99 7.42 27.70
C VAL A 132 15.24 6.38 26.85
N HIS A 133 15.48 5.09 27.11
CA HIS A 133 14.92 4.01 26.28
C HIS A 133 13.42 3.70 26.39
N SER A 134 12.86 3.77 27.60
CA SER A 134 11.47 3.36 27.87
C SER A 134 10.36 4.40 27.60
N ILE A 135 10.76 5.67 27.49
CA ILE A 135 9.84 6.74 27.14
C ILE A 135 9.40 6.59 25.67
N GLN A 136 8.10 6.73 25.40
CA GLN A 136 7.58 6.79 24.03
C GLN A 136 7.07 8.20 23.79
N LEU A 137 7.13 8.64 22.55
CA LEU A 137 6.68 9.97 22.13
C LEU A 137 5.46 10.53 22.88
N SER A 138 4.37 9.77 22.95
CA SER A 138 3.15 10.25 23.58
C SER A 138 3.29 10.53 25.12
N ASP A 139 4.39 10.11 25.75
CA ASP A 139 4.56 10.25 27.20
C ASP A 139 5.21 11.60 27.43
N ILE A 140 5.83 12.16 26.39
CA ILE A 140 6.51 13.43 26.52
C ILE A 140 5.48 14.59 26.72
N ASP A 141 5.91 15.67 27.38
CA ASP A 141 5.01 16.78 27.66
C ASP A 141 4.88 17.54 26.35
N PRO A 142 3.77 18.29 26.18
CA PRO A 142 3.61 19.09 24.96
C PRO A 142 4.84 19.90 24.55
N VAL A 143 5.57 20.47 25.52
CA VAL A 143 6.72 21.31 25.17
C VAL A 143 7.79 20.49 24.46
N GLY A 144 8.08 19.31 24.99
CA GLY A 144 9.15 18.44 24.51
C GLY A 144 8.79 17.87 23.15
N ILE A 145 7.51 17.54 22.96
CA ILE A 145 7.02 17.11 21.64
C ILE A 145 7.20 18.21 20.60
N GLY A 146 6.90 19.45 20.99
CA GLY A 146 7.14 20.63 20.16
C GLY A 146 8.59 20.77 19.76
N ASP A 147 9.51 20.46 20.67
CA ASP A 147 10.94 20.53 20.33
C ASP A 147 11.25 19.55 19.18
N ILE A 148 10.72 18.32 19.27
CA ILE A 148 10.79 17.36 18.17
C ILE A 148 10.23 17.90 16.85
N LEU A 149 9.04 18.50 16.91
CA LEU A 149 8.48 19.14 15.73
C LEU A 149 9.37 20.31 15.18
N ILE A 150 9.92 21.14 16.07
CA ILE A 150 10.87 22.18 15.64
C ILE A 150 12.19 21.58 15.04
N ALA A 151 12.69 20.48 15.62
CA ALA A 151 13.81 19.72 15.01
C ALA A 151 13.51 19.31 13.56
N TYR A 152 12.31 18.76 13.34
CA TYR A 152 11.90 18.28 11.99
C TYR A 152 12.03 19.46 11.05
N LYS A 153 11.48 20.60 11.46
CA LYS A 153 11.55 21.85 10.71
C LYS A 153 12.99 22.34 10.45
N LYS A 154 13.86 22.27 11.46
CA LYS A 154 15.25 22.69 11.29
C LYS A 154 15.95 21.79 10.24
N ARG A 155 15.79 20.48 10.39
CA ARG A 155 16.32 19.53 9.43
C ARG A 155 15.72 19.74 8.03
N ILE A 156 14.41 19.95 7.95
CA ILE A 156 13.79 20.29 6.67
C ILE A 156 14.48 21.45 6.00
N ASN A 157 14.65 22.55 6.74
CA ASN A 157 15.29 23.75 6.19
C ASN A 157 16.77 23.60 5.84
N GLN A 158 17.51 22.74 6.55
CA GLN A 158 18.89 22.35 6.11
C GLN A 158 18.79 21.74 4.75
N ILE A 159 17.97 20.70 4.64
CA ILE A 159 17.73 19.98 3.37
C ILE A 159 17.22 20.78 2.16
N ALA A 160 16.29 21.72 2.38
CA ALA A 160 15.76 22.59 1.30
C ALA A 160 16.83 23.48 0.65
N GLN A 161 18.03 23.50 1.22
CA GLN A 161 19.14 24.15 0.54
C GLN A 161 19.71 23.30 -0.61
N HIS A 162 19.20 22.08 -0.78
CA HIS A 162 19.57 21.23 -1.88
C HIS A 162 18.51 21.25 -2.99
N ASP A 163 18.92 21.84 -4.11
CA ASP A 163 18.13 21.92 -5.35
C ASP A 163 17.81 20.53 -5.90
N SER A 164 18.68 19.56 -5.56
CA SER A 164 18.54 18.14 -5.95
C SER A 164 17.35 17.44 -5.31
N ILE A 165 16.85 18.02 -4.22
CA ILE A 165 15.78 17.44 -3.45
C ILE A 165 14.40 18.04 -3.81
N ASN A 166 13.41 17.18 -3.99
CA ASN A 166 12.04 17.59 -4.32
C ASN A 166 10.91 17.43 -3.30
N TYR A 167 11.08 16.54 -2.34
CA TYR A 167 10.04 16.26 -1.35
C TYR A 167 10.71 15.64 -0.15
N ILE A 168 10.17 15.93 1.06
CA ILE A 168 10.73 15.35 2.29
C ILE A 168 9.62 14.70 3.07
N GLN A 169 9.75 13.38 3.30
CA GLN A 169 8.75 12.63 4.07
C GLN A 169 9.17 12.43 5.54
N VAL A 170 8.50 13.14 6.45
CA VAL A 170 8.61 12.86 7.90
C VAL A 170 7.56 11.82 8.33
N PHE A 171 8.03 10.79 9.02
CA PHE A 171 7.18 9.70 9.47
C PHE A 171 7.71 9.04 10.76
N LYS A 172 6.81 8.36 11.46
CA LYS A 172 7.17 7.64 12.68
C LYS A 172 6.56 6.26 12.60
N ASN A 173 7.30 5.25 13.06
CA ASN A 173 6.80 3.88 13.27
C ASN A 173 6.88 3.57 14.76
N GLN A 174 5.76 3.21 15.38
CA GLN A 174 5.80 2.70 16.77
C GLN A 174 5.22 1.30 16.84
N GLY A 175 6.03 0.35 17.28
CA GLY A 175 5.56 -1.03 17.40
C GLY A 175 5.99 -1.89 16.23
N ALA A 176 6.31 -3.15 16.53
CA ALA A 176 6.78 -4.07 15.53
C ALA A 176 5.81 -4.23 14.37
N SER A 177 4.50 -4.27 14.61
CA SER A 177 3.65 -4.55 13.46
C SER A 177 3.43 -3.31 12.58
N ALA A 178 3.77 -2.12 13.09
CA ALA A 178 3.80 -0.90 12.28
C ALA A 178 5.12 -0.75 11.55
N GLY A 179 5.95 -1.79 11.58
CA GLY A 179 7.26 -1.76 10.94
C GLY A 179 8.49 -1.41 11.75
N ALA A 180 8.38 -1.04 13.02
CA ALA A 180 9.57 -0.71 13.83
C ALA A 180 10.64 -1.81 13.86
N SER A 181 11.91 -1.42 13.72
CA SER A 181 13.01 -2.29 14.10
C SER A 181 13.74 -1.84 15.43
N MET A 182 13.80 -0.55 15.70
CA MET A 182 14.42 -0.08 16.94
C MET A 182 13.30 0.19 17.92
N SER A 183 13.37 -0.43 19.10
CA SER A 183 12.32 -0.30 20.13
C SER A 183 12.37 1.05 20.83
N HIS A 184 13.45 1.80 20.60
CA HIS A 184 13.64 3.14 21.18
C HIS A 184 12.76 4.12 20.39
N SER A 185 12.38 5.24 21.03
CA SER A 185 11.39 6.13 20.41
C SER A 185 12.10 7.04 19.44
N GLY A 186 11.64 6.99 18.21
CA GLY A 186 12.35 7.63 17.11
C GLY A 186 11.41 7.76 15.95
N SER A 187 11.76 8.67 15.05
CA SER A 187 11.04 8.86 13.83
C SER A 187 12.08 9.14 12.75
N GLN A 188 11.63 9.32 11.52
CA GLN A 188 12.55 9.31 10.41
C GLN A 188 12.22 10.41 9.43
N MET A 189 13.22 10.77 8.62
CA MET A 189 13.04 11.72 7.54
C MET A 189 13.65 11.14 6.26
N MET A 190 12.86 11.12 5.18
CA MET A 190 13.33 10.69 3.89
C MET A 190 13.17 11.82 2.89
N ALA A 191 14.32 12.32 2.40
CA ALA A 191 14.36 13.39 1.39
C ALA A 191 14.61 12.77 -0.01
N LEU A 192 13.66 13.00 -0.91
CA LEU A 192 13.61 12.34 -2.18
C LEU A 192 13.95 13.28 -3.32
N PRO A 193 14.56 12.74 -4.40
CA PRO A 193 14.80 13.60 -5.56
C PRO A 193 13.53 13.79 -6.41
N VAL A 194 12.49 12.98 -6.22
CA VAL A 194 11.29 13.18 -6.99
C VAL A 194 10.05 13.25 -6.11
N VAL A 195 9.07 14.03 -6.52
CA VAL A 195 7.78 14.09 -5.87
C VAL A 195 7.10 12.71 -6.02
N PRO A 196 6.76 12.05 -4.89
CA PRO A 196 6.19 10.67 -4.89
C PRO A 196 4.68 10.59 -5.17
N PRO A 197 4.16 9.38 -5.46
CA PRO A 197 2.73 9.27 -5.88
C PRO A 197 1.65 9.96 -5.03
N THR A 198 1.73 9.96 -3.70
CA THR A 198 0.64 10.52 -2.94
C THR A 198 0.66 12.03 -3.03
N VAL A 199 1.86 12.63 -3.15
CA VAL A 199 1.95 14.08 -3.28
C VAL A 199 1.33 14.53 -4.63
N SER A 200 1.61 13.77 -5.70
CA SER A 200 1.03 14.04 -7.01
C SER A 200 -0.47 13.86 -6.99
N SER A 201 -0.97 12.80 -6.35
CA SER A 201 -2.40 12.60 -6.30
C SER A 201 -3.02 13.72 -5.53
N ARG A 202 -2.35 14.20 -4.51
CA ARG A 202 -2.97 15.21 -3.65
C ARG A 202 -3.03 16.56 -4.37
N LEU A 203 -1.94 16.92 -5.05
CA LEU A 203 -1.90 18.15 -5.79
C LEU A 203 -2.99 18.19 -6.82
N ASP A 204 -3.15 17.09 -7.57
CA ASP A 204 -4.19 16.91 -8.56
C ASP A 204 -5.58 17.03 -8.00
N GLY A 205 -5.82 16.42 -6.85
CA GLY A 205 -7.18 16.28 -6.35
C GLY A 205 -7.58 17.57 -5.68
N THR A 206 -6.63 18.16 -4.95
CA THR A 206 -6.91 19.45 -4.30
C THR A 206 -7.05 20.54 -5.34
N LYS A 207 -6.28 20.45 -6.43
CA LYS A 207 -6.43 21.38 -7.57
C LYS A 207 -7.79 21.31 -8.23
N ASP A 208 -8.26 20.12 -8.59
CA ASP A 208 -9.57 19.95 -9.19
C ASP A 208 -10.65 20.53 -8.28
N TYR A 209 -10.56 20.24 -6.97
CA TYR A 209 -11.55 20.76 -6.04
C TYR A 209 -11.47 22.31 -5.99
N PHE A 210 -10.26 22.84 -6.00
CA PHE A 210 -10.10 24.29 -5.97
C PHE A 210 -10.71 24.89 -7.24
N GLU A 211 -10.48 24.24 -8.38
CA GLU A 211 -11.06 24.70 -9.65
C GLU A 211 -12.60 24.62 -9.65
N GLU A 212 -13.15 23.62 -8.96
CA GLU A 212 -14.59 23.44 -8.91
C GLU A 212 -15.26 24.43 -7.99
N THR A 213 -14.62 24.76 -6.85
CA THR A 213 -15.31 25.49 -5.76
C THR A 213 -14.66 26.85 -5.41
N GLY A 214 -13.43 27.08 -5.87
CA GLY A 214 -12.64 28.20 -5.33
C GLY A 214 -12.18 28.00 -3.89
N LYS A 215 -12.39 26.80 -3.34
CA LYS A 215 -12.01 26.50 -1.95
C LYS A 215 -10.80 25.55 -1.74
N CYS A 216 -10.05 25.81 -0.67
CA CYS A 216 -9.08 24.81 -0.20
C CYS A 216 -9.79 23.82 0.71
N CYS A 217 -9.76 22.56 0.33
CA CYS A 217 -10.63 21.57 0.98
C CYS A 217 -10.28 21.30 2.44
N LEU A 218 -9.03 21.53 2.80
CA LEU A 218 -8.62 21.30 4.18
C LEU A 218 -8.89 22.51 5.04
N CYS A 219 -9.00 23.69 4.40
CA CYS A 219 -9.59 24.89 5.06
C CYS A 219 -11.04 24.69 5.44
N GLU A 220 -11.69 23.75 4.78
CA GLU A 220 -13.05 23.39 5.07
C GLU A 220 -13.11 22.15 5.96
N ALA A 221 -12.05 21.85 6.71
CA ALA A 221 -12.00 20.62 7.54
C ALA A 221 -13.23 20.37 8.44
N LYS A 222 -13.70 21.44 9.09
CA LYS A 222 -14.77 21.33 10.12
C LYS A 222 -16.10 20.99 9.50
N SER A 223 -16.27 21.33 8.23
CA SER A 223 -17.49 20.97 7.51
C SER A 223 -17.31 19.81 6.54
N LYS A 224 -16.07 19.44 6.22
CA LYS A 224 -15.85 18.26 5.37
C LYS A 224 -15.57 16.92 6.11
N HIS A 225 -15.01 16.98 7.33
CA HIS A 225 -14.69 15.77 8.10
C HIS A 225 -15.36 15.76 9.48
N PHE A 226 -15.08 14.72 10.26
CA PHE A 226 -15.70 14.56 11.59
C PHE A 226 -14.72 14.93 12.70
N VAL A 227 -14.95 16.11 13.26
CA VAL A 227 -14.11 16.69 14.29
C VAL A 227 -14.11 15.83 15.53
N ILE A 228 -12.91 15.47 15.99
CA ILE A 228 -12.70 14.84 17.29
C ILE A 228 -12.28 15.91 18.32
N ASP A 229 -11.15 16.57 18.10
CA ASP A 229 -10.67 17.54 19.07
C ASP A 229 -10.10 18.73 18.34
N GLU A 230 -9.75 19.78 19.09
CA GLU A 230 -9.32 21.03 18.47
C GLU A 230 -8.41 21.74 19.47
N SER A 231 -7.41 22.41 18.97
CA SER A 231 -6.55 23.19 19.84
C SER A 231 -6.58 24.64 19.40
N SER A 232 -5.66 25.46 19.89
CA SER A 232 -5.65 26.87 19.47
C SER A 232 -5.48 27.01 17.97
N HIS A 233 -4.59 26.20 17.39
CA HIS A 233 -4.27 26.28 15.94
C HIS A 233 -4.47 25.03 15.08
N PHE A 234 -5.03 23.95 15.65
CA PHE A 234 -5.15 22.68 14.91
C PHE A 234 -6.49 22.01 15.27
N VAL A 235 -6.96 21.15 14.38
CA VAL A 235 -8.21 20.45 14.56
C VAL A 235 -7.93 19.00 14.19
N SER A 236 -8.39 18.05 14.98
CA SER A 236 -8.14 16.68 14.62
C SER A 236 -9.44 16.08 14.13
N VAL A 237 -9.39 15.25 13.08
CA VAL A 237 -10.60 14.69 12.50
C VAL A 237 -10.47 13.21 12.14
N ALA A 238 -11.63 12.55 12.04
CA ALA A 238 -11.72 11.27 11.41
C ALA A 238 -12.07 11.65 9.97
N PRO A 239 -11.14 11.38 9.03
CA PRO A 239 -11.39 11.88 7.66
C PRO A 239 -12.57 11.18 7.00
N PHE A 240 -13.33 11.93 6.18
CA PHE A 240 -14.56 11.49 5.53
C PHE A 240 -14.36 10.19 4.72
N ALA A 241 -13.28 10.15 3.92
CA ALA A 241 -12.99 9.01 3.09
C ALA A 241 -11.69 8.35 3.56
N ALA A 242 -11.61 8.09 4.86
CA ALA A 242 -10.37 7.61 5.49
C ALA A 242 -10.01 6.31 4.86
N THR A 243 -8.72 6.14 4.64
CA THR A 243 -8.19 4.87 4.09
C THR A 243 -8.27 3.74 5.13
N TYR A 244 -7.94 4.05 6.37
CA TYR A 244 -7.71 3.04 7.38
C TYR A 244 -8.71 3.15 8.56
N PRO A 245 -9.05 2.01 9.19
CA PRO A 245 -9.98 2.22 10.31
C PRO A 245 -9.30 3.01 11.46
N PHE A 246 -10.05 3.96 12.03
CA PHE A 246 -9.48 4.80 13.13
C PHE A 246 -8.37 5.79 12.73
N GLU A 247 -8.20 6.00 11.44
CA GLU A 247 -7.34 7.03 10.92
C GLU A 247 -7.79 8.41 11.45
N ILE A 248 -6.80 9.25 11.78
CA ILE A 248 -7.04 10.60 12.24
C ILE A 248 -6.10 11.59 11.50
N TRP A 249 -6.64 12.72 11.05
CA TRP A 249 -5.79 13.77 10.54
C TRP A 249 -5.71 14.90 11.52
N ILE A 250 -4.53 15.48 11.63
CA ILE A 250 -4.37 16.68 12.39
C ILE A 250 -4.03 17.78 11.41
N ILE A 251 -4.90 18.80 11.36
CA ILE A 251 -4.92 19.79 10.28
C ILE A 251 -4.78 21.21 10.85
N PRO A 252 -3.75 21.96 10.39
CA PRO A 252 -3.68 23.36 10.80
C PRO A 252 -4.96 24.07 10.39
N LYS A 253 -5.50 24.93 11.27
CA LYS A 253 -6.75 25.64 10.95
C LYS A 253 -6.46 26.84 10.08
N ASP A 254 -5.25 27.35 10.15
CA ASP A 254 -4.80 28.36 9.21
C ASP A 254 -4.31 27.72 7.92
N HIS A 255 -4.48 28.43 6.79
CA HIS A 255 -4.09 27.85 5.53
C HIS A 255 -2.58 27.91 5.42
N SER A 256 -1.95 26.76 5.57
CA SER A 256 -0.51 26.67 5.66
C SER A 256 -0.05 25.51 4.76
N SER A 257 0.71 25.88 3.72
CA SER A 257 1.24 24.96 2.70
C SER A 257 2.40 24.08 3.17
N HIS A 258 3.28 24.61 4.00
CA HIS A 258 4.41 23.84 4.50
C HIS A 258 4.36 23.65 5.97
N PHE A 259 4.57 22.41 6.38
CA PHE A 259 4.83 22.10 7.75
C PHE A 259 5.94 22.95 8.35
N HIS A 260 7.02 23.18 7.61
CA HIS A 260 8.21 23.79 8.21
C HIS A 260 8.02 25.28 8.55
N HIS A 261 6.89 25.86 8.15
CA HIS A 261 6.57 27.21 8.58
C HIS A 261 6.09 27.26 10.03
N LEU A 262 5.83 26.08 10.62
CA LEU A 262 5.60 25.94 12.06
C LEU A 262 6.49 26.90 12.91
N ASP A 263 5.90 27.56 13.90
CA ASP A 263 6.67 28.40 14.83
C ASP A 263 6.64 27.82 16.24
N ASP A 264 7.25 28.49 17.22
CA ASP A 264 7.35 27.91 18.56
C ASP A 264 6.00 27.75 19.21
N VAL A 265 5.09 28.70 19.01
CA VAL A 265 3.77 28.62 19.66
C VAL A 265 2.92 27.44 19.16
N LYS A 266 2.77 27.35 17.84
CA LYS A 266 2.12 26.25 17.15
C LYS A 266 2.79 24.88 17.36
N ALA A 267 4.11 24.86 17.48
CA ALA A 267 4.81 23.60 17.79
C ALA A 267 4.28 23.00 19.09
N VAL A 268 4.12 23.83 20.11
CA VAL A 268 3.68 23.33 21.44
C VAL A 268 2.17 22.99 21.35
N ASP A 269 1.40 23.88 20.74
CA ASP A 269 -0.02 23.65 20.46
C ASP A 269 -0.27 22.35 19.70
N LEU A 270 0.51 22.10 18.64
CA LEU A 270 0.46 20.82 17.90
C LEU A 270 0.93 19.65 18.76
N GLY A 271 2.00 19.86 19.53
CA GLY A 271 2.49 18.84 20.47
C GLY A 271 1.40 18.22 21.35
N GLY A 272 0.58 19.11 21.93
CA GLY A 272 -0.50 18.72 22.85
C GLY A 272 -1.63 18.01 22.14
N LEU A 273 -2.03 18.51 20.96
CA LEU A 273 -3.05 17.81 20.17
C LEU A 273 -2.57 16.43 19.65
N LEU A 274 -1.30 16.35 19.26
CA LEU A 274 -0.70 15.07 18.84
C LEU A 274 -0.59 14.12 20.05
N LYS A 275 -0.06 14.62 21.17
CA LYS A 275 -0.07 13.86 22.41
C LYS A 275 -1.49 13.36 22.73
N LEU A 276 -2.47 14.25 22.68
CA LEU A 276 -3.84 13.90 23.00
C LEU A 276 -4.38 12.78 22.10
N MET A 277 -4.21 12.89 20.78
CA MET A 277 -4.69 11.82 19.88
C MET A 277 -3.93 10.52 20.08
N LEU A 278 -2.62 10.61 20.25
CA LEU A 278 -1.86 9.39 20.51
C LEU A 278 -2.33 8.70 21.79
N GLN A 279 -2.56 9.49 22.84
CA GLN A 279 -3.02 8.93 24.12
C GLN A 279 -4.44 8.39 24.06
N LYS A 280 -5.32 9.06 23.31
CA LYS A 280 -6.70 8.56 23.13
C LYS A 280 -6.78 7.22 22.40
N ILE A 281 -5.97 7.09 21.33
CA ILE A 281 -5.77 5.86 20.61
C ILE A 281 -5.27 4.72 21.54
N ALA A 282 -4.23 5.01 22.31
CA ALA A 282 -3.65 4.01 23.23
C ALA A 282 -4.69 3.50 24.25
N LYS A 283 -5.52 4.40 24.76
CA LYS A 283 -6.59 4.03 25.68
C LYS A 283 -7.76 3.31 25.00
N GLN A 284 -8.36 3.92 23.98
CA GLN A 284 -9.46 3.29 23.26
C GLN A 284 -9.06 1.96 22.61
N LEU A 285 -7.85 1.89 22.07
CA LEU A 285 -7.50 0.81 21.15
C LEU A 285 -6.49 -0.17 21.70
N ASN A 286 -6.26 -0.10 23.00
CA ASN A 286 -5.45 -1.06 23.69
C ASN A 286 -4.01 -1.00 23.24
N ASP A 287 -3.48 0.22 23.27
CA ASP A 287 -2.08 0.51 22.94
C ASP A 287 -1.59 -0.16 21.65
N PRO A 288 -2.28 0.09 20.53
CA PRO A 288 -1.82 -0.55 19.29
C PRO A 288 -0.53 0.13 18.77
N PRO A 289 0.22 -0.57 17.86
CA PRO A 289 1.30 0.09 17.13
C PRO A 289 0.69 1.14 16.20
N TYR A 290 1.45 2.11 15.76
CA TYR A 290 0.90 3.10 14.82
C TYR A 290 1.95 3.57 13.88
N ASN A 291 1.54 4.24 12.82
CA ASN A 291 2.45 5.08 12.05
C ASN A 291 1.82 6.46 11.99
N TYR A 292 2.67 7.50 12.02
CA TYR A 292 2.26 8.83 11.57
C TYR A 292 3.13 9.44 10.47
N MET A 293 2.53 10.30 9.67
CA MET A 293 3.12 10.76 8.40
C MET A 293 2.79 12.22 8.26
N ILE A 294 3.79 13.08 8.12
CA ILE A 294 3.49 14.46 7.75
C ILE A 294 3.37 14.59 6.24
N HIS A 295 2.21 15.07 5.78
CA HIS A 295 1.97 15.44 4.40
C HIS A 295 2.16 16.94 4.20
N THR A 296 3.05 17.27 3.29
CA THR A 296 3.55 18.64 3.17
C THR A 296 3.70 18.97 1.68
N SER A 297 4.26 20.12 1.39
CA SER A 297 4.29 20.59 -0.02
C SER A 297 5.62 20.24 -0.66
N PRO A 298 5.62 20.02 -1.98
CA PRO A 298 6.93 19.72 -2.54
C PRO A 298 7.84 20.94 -2.35
N LEU A 299 9.16 20.75 -2.32
CA LEU A 299 10.05 21.87 -2.05
C LEU A 299 9.97 22.97 -3.13
N LYS A 300 9.60 22.55 -4.35
CA LYS A 300 9.52 23.45 -5.51
C LYS A 300 8.09 23.77 -5.85
N VAL A 301 7.22 23.74 -4.87
CA VAL A 301 5.82 24.02 -5.11
C VAL A 301 5.70 25.41 -5.76
N THR A 302 4.85 25.51 -6.78
CA THR A 302 4.73 26.74 -7.55
C THR A 302 3.75 27.66 -6.84
N GLU A 303 3.83 28.95 -7.15
CA GLU A 303 2.95 29.94 -6.55
C GLU A 303 1.48 29.62 -6.85
N SER A 304 1.24 29.12 -8.05
CA SER A 304 -0.10 28.91 -8.46
C SER A 304 -0.70 27.67 -7.75
N GLN A 305 0.15 26.86 -7.10
CA GLN A 305 -0.33 25.67 -6.35
C GLN A 305 -0.69 26.02 -4.92
N LEU A 306 -0.18 27.15 -4.42
CA LEU A 306 -0.38 27.53 -3.01
C LEU A 306 -1.84 27.58 -2.54
N PRO A 307 -2.76 28.22 -3.29
CA PRO A 307 -4.10 28.40 -2.69
C PRO A 307 -4.82 27.12 -2.26
N TYR A 308 -4.43 25.97 -2.84
CA TYR A 308 -5.09 24.70 -2.49
C TYR A 308 -4.19 23.65 -1.82
N THR A 309 -3.01 24.10 -1.38
CA THR A 309 -2.00 23.24 -0.78
C THR A 309 -1.92 23.53 0.71
N HIS A 310 -2.16 22.51 1.52
CA HIS A 310 -2.43 22.67 2.98
C HIS A 310 -1.86 21.39 3.63
N TRP A 311 -0.82 21.56 4.44
CA TRP A 311 -0.16 20.43 5.10
C TRP A 311 -1.06 19.85 6.17
N PHE A 312 -0.80 18.58 6.53
CA PHE A 312 -1.52 17.92 7.61
C PHE A 312 -0.72 16.74 8.13
N LEU A 313 -1.03 16.28 9.33
CA LEU A 313 -0.38 15.10 9.91
C LEU A 313 -1.36 13.93 9.94
N GLN A 314 -0.95 12.78 9.38
CA GLN A 314 -1.83 11.60 9.33
C GLN A 314 -1.40 10.58 10.39
N ILE A 315 -2.35 10.05 11.13
CA ILE A 315 -2.08 9.02 12.14
C ILE A 315 -2.88 7.82 11.77
N VAL A 316 -2.17 6.72 11.63
CA VAL A 316 -2.78 5.45 11.28
C VAL A 316 -2.47 4.43 12.36
N PRO A 317 -3.47 4.14 13.22
CA PRO A 317 -3.23 3.02 14.13
C PRO A 317 -3.16 1.70 13.35
N GLN A 318 -2.24 0.84 13.74
CA GLN A 318 -1.99 -0.38 12.99
C GLN A 318 -2.93 -1.49 13.44
N LEU A 319 -4.04 -1.67 12.74
CA LEU A 319 -5.12 -2.57 13.19
C LEU A 319 -5.32 -3.78 12.32
N SER A 320 -4.97 -3.64 11.05
CA SER A 320 -5.19 -4.70 10.07
C SER A 320 -4.09 -4.67 9.04
N GLY A 321 -3.98 -5.77 8.28
CA GLY A 321 -3.08 -5.82 7.13
C GLY A 321 -3.90 -5.72 5.85
N VAL A 322 -3.22 -5.83 4.71
CA VAL A 322 -3.90 -5.84 3.41
C VAL A 322 -3.87 -7.25 2.82
N GLY A 323 -4.60 -7.45 1.73
CA GLY A 323 -4.54 -8.64 0.93
C GLY A 323 -4.43 -8.25 -0.55
N GLY A 324 -4.76 -9.20 -1.42
CA GLY A 324 -4.58 -9.06 -2.85
C GLY A 324 -5.48 -8.00 -3.47
N PHE A 325 -6.60 -7.64 -2.83
CA PHE A 325 -7.47 -6.63 -3.44
C PHE A 325 -6.71 -5.30 -3.43
N GLU A 326 -6.16 -4.96 -2.27
CA GLU A 326 -5.48 -3.66 -2.08
C GLU A 326 -4.18 -3.58 -2.90
N ILE A 327 -3.37 -4.64 -2.85
CA ILE A 327 -2.18 -4.70 -3.68
C ILE A 327 -2.55 -4.61 -5.18
N GLY A 328 -3.60 -5.33 -5.61
CA GLY A 328 -4.04 -5.31 -7.01
C GLY A 328 -4.53 -3.96 -7.51
N THR A 329 -5.37 -3.33 -6.72
CA THR A 329 -6.12 -2.15 -7.16
C THR A 329 -5.56 -0.81 -6.60
N GLY A 330 -4.99 -0.81 -5.38
CA GLY A 330 -4.64 0.45 -4.73
C GLY A 330 -5.90 1.11 -4.17
N CYS A 331 -6.96 0.32 -4.05
CA CYS A 331 -8.19 0.71 -3.39
C CYS A 331 -8.26 -0.04 -2.06
N TYR A 332 -8.57 0.68 -0.99
CA TYR A 332 -8.65 0.07 0.35
C TYR A 332 -10.06 -0.23 0.83
N ILE A 333 -10.15 -1.09 1.85
CA ILE A 333 -11.43 -1.49 2.46
C ILE A 333 -11.38 -1.12 3.91
N ASN A 334 -12.34 -0.31 4.32
CA ASN A 334 -12.35 0.28 5.64
C ASN A 334 -13.58 -0.15 6.41
N PRO A 335 -13.38 -0.93 7.48
CA PRO A 335 -14.50 -1.50 8.22
C PRO A 335 -15.15 -0.50 9.18
N VAL A 336 -14.64 0.71 9.35
CA VAL A 336 -15.26 1.62 10.34
C VAL A 336 -15.57 3.00 9.78
N PHE A 337 -16.83 3.38 9.68
CA PHE A 337 -17.18 4.73 9.27
C PHE A 337 -16.55 5.82 10.17
N PRO A 338 -16.06 6.92 9.55
CA PRO A 338 -15.46 7.99 10.32
C PRO A 338 -16.44 8.72 11.30
N GLU A 339 -17.72 8.81 10.93
CA GLU A 339 -18.80 9.16 11.84
C GLU A 339 -18.69 8.41 13.18
N ASP A 340 -18.46 7.10 13.07
CA ASP A 340 -18.30 6.24 14.26
C ASP A 340 -16.98 6.43 15.01
N VAL A 341 -15.87 6.61 14.29
CA VAL A 341 -14.58 6.87 14.96
C VAL A 341 -14.63 8.15 15.76
N ALA A 342 -15.30 9.16 15.21
CA ALA A 342 -15.26 10.47 15.81
C ALA A 342 -16.10 10.51 17.10
N LYS A 343 -17.27 9.86 17.09
CA LYS A 343 -18.14 9.76 18.27
C LYS A 343 -17.45 9.03 19.42
N VAL A 344 -16.79 7.91 19.11
CA VAL A 344 -16.02 7.13 20.09
C VAL A 344 -14.86 7.94 20.69
N MET A 345 -14.11 8.64 19.84
CA MET A 345 -12.90 9.36 20.25
C MET A 345 -13.15 10.67 21.01
N ARG A 346 -14.27 11.33 20.69
CA ARG A 346 -14.82 12.44 21.46
C ARG A 346 -15.14 12.06 22.91
N GLU A 347 -15.60 10.84 23.10
CA GLU A 347 -15.99 10.37 24.42
C GLU A 347 -14.87 9.71 25.23
N VAL A 348 -13.66 9.59 24.69
CA VAL A 348 -12.54 9.04 25.47
C VAL A 348 -12.08 10.03 26.53
N SER A 349 -12.02 9.59 27.77
CA SER A 349 -11.52 10.45 28.84
C SER A 349 -10.21 9.87 29.34
N LEU A 350 -9.21 10.72 29.50
CA LEU A 350 -7.91 10.25 29.97
C LEU A 350 -7.76 10.37 31.50
N GLN B 21 25.24 -3.28 -1.96
CA GLN B 21 25.30 -2.53 -3.27
C GLN B 21 24.70 -1.12 -3.16
N SER B 22 24.98 -0.28 -4.16
CA SER B 22 24.60 1.13 -4.16
C SER B 22 23.11 1.27 -4.50
N PRO B 23 22.41 2.13 -3.75
CA PRO B 23 20.96 2.35 -3.98
C PRO B 23 20.62 2.95 -5.33
N GLU B 24 19.46 2.58 -5.85
CA GLU B 24 19.02 3.00 -7.18
C GLU B 24 17.54 3.30 -7.17
N LEU B 25 17.10 4.25 -8.00
CA LEU B 25 15.67 4.42 -8.18
C LEU B 25 15.25 3.83 -9.54
N ARG B 26 14.19 3.00 -9.58
CA ARG B 26 13.71 2.52 -10.89
C ARG B 26 12.23 2.88 -11.16
N LYS B 27 11.91 3.10 -12.44
CA LYS B 27 10.55 3.35 -12.92
C LYS B 27 10.16 2.33 -14.03
N ASP B 28 8.87 2.04 -14.11
CA ASP B 28 8.25 1.23 -15.14
C ASP B 28 6.88 1.83 -15.54
N PRO B 29 6.54 1.76 -16.84
CA PRO B 29 5.20 2.16 -17.33
C PRO B 29 4.02 1.46 -16.63
N VAL B 30 4.18 0.16 -16.35
CA VAL B 30 3.11 -0.64 -15.77
C VAL B 30 2.70 -0.07 -14.39
N THR B 31 3.68 0.15 -13.52
CA THR B 31 3.42 0.80 -12.22
C THR B 31 3.34 2.31 -12.35
N ASN B 32 4.07 2.89 -13.30
CA ASN B 32 4.10 4.35 -13.52
C ASN B 32 4.56 5.16 -12.28
N ARG B 33 5.48 4.59 -11.51
CA ARG B 33 6.05 5.21 -10.33
C ARG B 33 7.49 4.75 -10.10
N TRP B 34 8.28 5.54 -9.39
CA TRP B 34 9.61 5.13 -8.96
C TRP B 34 9.53 4.20 -7.77
N VAL B 35 10.49 3.31 -7.69
CA VAL B 35 10.72 2.48 -6.54
C VAL B 35 12.18 2.63 -6.10
N ILE B 36 12.43 2.58 -4.80
CA ILE B 36 13.80 2.61 -4.27
C ILE B 36 14.31 1.16 -4.16
N PHE B 37 15.41 0.85 -4.87
CA PHE B 37 16.22 -0.36 -4.58
C PHE B 37 17.32 -0.01 -3.58
N SER B 38 17.39 -0.77 -2.47
CA SER B 38 18.42 -0.55 -1.46
C SER B 38 18.75 -1.79 -0.60
N PRO B 39 19.73 -2.62 -1.07
CA PRO B 39 20.06 -3.85 -0.31
C PRO B 39 20.61 -3.67 1.11
N ALA B 40 21.22 -2.52 1.40
CA ALA B 40 21.77 -2.28 2.72
C ALA B 40 20.67 -2.29 3.76
N ARG B 41 19.43 -2.06 3.32
CA ARG B 41 18.28 -2.18 4.22
C ARG B 41 18.12 -3.56 4.87
N ALA B 42 18.44 -4.64 4.16
CA ALA B 42 18.30 -6.00 4.70
C ALA B 42 19.29 -6.29 5.85
N LYS B 43 20.31 -5.44 5.97
CA LYS B 43 21.38 -5.62 6.95
C LYS B 43 21.15 -4.92 8.28
N ARG B 44 19.99 -4.26 8.43
CA ARG B 44 19.71 -3.50 9.66
C ARG B 44 19.33 -4.44 10.81
N PRO B 45 19.71 -4.11 12.06
CA PRO B 45 19.27 -4.95 13.18
C PRO B 45 17.79 -4.73 13.51
N THR B 46 17.23 -5.62 14.32
CA THR B 46 15.90 -5.42 14.90
C THR B 46 15.83 -5.80 16.39
N ASP B 47 15.03 -5.05 17.16
CA ASP B 47 14.87 -5.32 18.61
C ASP B 47 13.75 -6.34 18.91
N PHE B 48 13.05 -6.80 17.87
CA PHE B 48 11.81 -7.56 18.05
C PHE B 48 11.93 -9.05 17.68
N PRO B 60 -7.17 -26.48 11.64
CA PRO B 60 -8.50 -26.93 11.20
C PRO B 60 -8.39 -28.02 10.16
N SER B 61 -9.15 -29.10 10.30
CA SER B 61 -9.05 -30.19 9.33
C SER B 61 -10.30 -30.27 8.45
N SER B 62 -11.28 -29.44 8.80
CA SER B 62 -12.45 -29.20 7.97
C SER B 62 -12.79 -27.73 8.14
N CYS B 63 -13.61 -27.20 7.25
CA CYS B 63 -14.13 -25.86 7.40
C CYS B 63 -15.37 -25.82 6.54
N PRO B 64 -16.14 -24.71 6.57
CA PRO B 64 -17.30 -24.61 5.68
C PRO B 64 -17.01 -24.76 4.18
N PHE B 65 -15.79 -24.51 3.76
CA PHE B 65 -15.41 -24.70 2.34
C PHE B 65 -15.17 -26.15 1.91
N CYS B 66 -14.97 -27.05 2.88
CA CYS B 66 -14.71 -28.47 2.61
C CYS B 66 -15.91 -29.18 2.04
N ILE B 67 -15.68 -30.16 1.13
CA ILE B 67 -16.77 -30.86 0.46
C ILE B 67 -17.71 -31.52 1.51
N GLY B 68 -19.00 -31.56 1.20
CA GLY B 68 -19.98 -32.10 2.15
C GLY B 68 -20.59 -31.03 3.04
N ARG B 69 -19.97 -29.84 3.07
CA ARG B 69 -20.43 -28.74 3.95
C ARG B 69 -21.01 -27.53 3.21
N GLU B 70 -21.39 -27.74 1.96
CA GLU B 70 -21.87 -26.67 1.08
C GLU B 70 -22.95 -25.73 1.65
N GLN B 71 -23.79 -26.27 2.54
CA GLN B 71 -24.93 -25.53 3.08
C GLN B 71 -24.48 -24.49 4.10
N GLU B 72 -23.23 -24.60 4.51
CA GLU B 72 -22.63 -23.62 5.41
C GLU B 72 -22.00 -22.41 4.69
N CYS B 73 -22.09 -22.42 3.36
CA CYS B 73 -21.56 -21.35 2.52
C CYS B 73 -22.65 -20.46 1.98
N ALA B 74 -22.27 -19.22 1.66
CA ALA B 74 -23.11 -18.33 0.87
C ALA B 74 -23.41 -18.94 -0.51
N PRO B 75 -24.43 -18.43 -1.22
CA PRO B 75 -24.87 -19.16 -2.41
C PRO B 75 -23.82 -19.41 -3.50
N GLU B 76 -23.97 -20.54 -4.16
CA GLU B 76 -23.10 -20.97 -5.22
C GLU B 76 -23.44 -20.25 -6.53
N LEU B 77 -22.40 -19.97 -7.32
CA LEU B 77 -22.62 -19.43 -8.64
C LEU B 77 -22.48 -20.55 -9.68
N PHE B 78 -21.39 -21.30 -9.57
CA PHE B 78 -21.19 -22.55 -10.32
C PHE B 78 -20.09 -23.37 -9.64
N ARG B 79 -19.94 -24.60 -10.11
CA ARG B 79 -18.93 -25.53 -9.64
C ARG B 79 -18.33 -26.23 -10.87
N VAL B 80 -17.19 -26.91 -10.69
CA VAL B 80 -16.56 -27.70 -11.76
C VAL B 80 -16.15 -29.06 -11.18
N PRO B 81 -16.56 -30.17 -11.87
CA PRO B 81 -17.43 -30.12 -13.04
C PRO B 81 -18.86 -29.58 -12.75
N ASP B 82 -19.53 -29.05 -13.76
CA ASP B 82 -20.88 -28.54 -13.58
C ASP B 82 -21.87 -29.56 -12.94
N HIS B 83 -22.54 -29.12 -11.88
CA HIS B 83 -23.55 -29.93 -11.14
C HIS B 83 -23.13 -31.33 -10.64
N ASP B 84 -21.84 -31.62 -10.80
CA ASP B 84 -21.20 -32.78 -10.22
C ASP B 84 -21.12 -32.66 -8.69
N PRO B 85 -21.67 -33.64 -7.97
CA PRO B 85 -21.58 -33.64 -6.50
C PRO B 85 -20.13 -33.81 -6.05
N ASN B 86 -19.33 -34.40 -6.94
CA ASN B 86 -17.92 -34.64 -6.71
C ASN B 86 -17.12 -33.51 -7.38
N TRP B 87 -17.15 -32.33 -6.75
CA TRP B 87 -16.58 -31.12 -7.34
C TRP B 87 -15.08 -30.94 -7.02
N LYS B 88 -14.41 -30.28 -7.95
CA LYS B 88 -12.99 -29.94 -7.81
C LYS B 88 -12.79 -28.45 -7.50
N LEU B 89 -13.70 -27.61 -7.99
CA LEU B 89 -13.75 -26.21 -7.56
C LEU B 89 -15.21 -25.72 -7.51
N ARG B 90 -15.44 -24.66 -6.73
CA ARG B 90 -16.73 -23.99 -6.69
C ARG B 90 -16.43 -22.50 -6.69
N VAL B 91 -17.31 -21.76 -7.36
CA VAL B 91 -17.35 -20.32 -7.36
C VAL B 91 -18.62 -19.88 -6.62
N ILE B 92 -18.45 -19.14 -5.52
CA ILE B 92 -19.55 -18.83 -4.59
C ILE B 92 -19.54 -17.34 -4.21
N GLU B 93 -20.63 -16.89 -3.60
CA GLU B 93 -20.69 -15.52 -3.10
C GLU B 93 -19.90 -15.39 -1.83
N ASN B 94 -19.32 -14.20 -1.64
CA ASN B 94 -18.61 -13.99 -0.42
C ASN B 94 -19.68 -13.68 0.61
N LEU B 95 -19.62 -14.38 1.74
CA LEU B 95 -20.59 -14.21 2.85
C LEU B 95 -20.46 -12.93 3.63
N TYR B 96 -19.27 -12.34 3.66
CA TYR B 96 -19.07 -11.00 4.22
C TYR B 96 -18.54 -10.07 3.10
N PRO B 97 -19.42 -9.69 2.14
CA PRO B 97 -18.90 -9.06 0.93
C PRO B 97 -18.60 -7.61 1.20
N ALA B 98 -17.55 -7.09 0.57
CA ALA B 98 -17.19 -5.66 0.73
C ALA B 98 -18.20 -4.72 0.04
N LEU B 99 -18.90 -5.27 -0.93
CA LEU B 99 -19.77 -4.50 -1.81
C LEU B 99 -21.03 -5.33 -2.02
N SER B 100 -22.15 -4.66 -2.22
CA SER B 100 -23.45 -5.33 -2.31
C SER B 100 -23.96 -5.39 -3.73
N ARG B 101 -24.27 -6.57 -4.24
CA ARG B 101 -24.83 -6.72 -5.60
C ARG B 101 -26.30 -6.19 -5.72
N ASN B 102 -26.92 -5.88 -4.59
CA ASN B 102 -28.30 -5.41 -4.51
C ASN B 102 -28.39 -3.90 -4.53
N LEU B 103 -27.25 -3.21 -4.66
CA LEU B 103 -27.25 -1.75 -4.81
C LEU B 103 -27.05 -1.35 -6.27
N GLU B 104 -27.27 -2.27 -7.18
CA GLU B 104 -26.99 -2.03 -8.62
C GLU B 104 -27.76 -0.88 -9.29
N THR B 105 -29.07 -0.79 -9.06
CA THR B 105 -29.82 0.23 -9.80
C THR B 105 -29.54 1.64 -9.25
N GLN B 106 -29.31 1.72 -7.95
CA GLN B 106 -28.81 2.94 -7.34
C GLN B 106 -27.41 3.31 -7.89
N SER B 107 -26.66 2.30 -8.32
CA SER B 107 -25.35 2.56 -8.90
C SER B 107 -25.48 3.41 -10.20
N THR B 108 -26.59 3.23 -10.91
CA THR B 108 -26.92 4.01 -12.13
C THR B 108 -27.21 5.51 -11.86
N ARG B 116 -18.84 13.12 -3.87
CA ARG B 116 -17.85 12.48 -2.99
C ARG B 116 -18.28 11.11 -2.37
N THR B 117 -19.44 10.60 -2.77
CA THR B 117 -20.03 9.38 -2.22
C THR B 117 -20.75 8.63 -3.35
N ILE B 118 -20.58 7.32 -3.44
CA ILE B 118 -21.46 6.55 -4.31
C ILE B 118 -21.87 5.29 -3.54
N VAL B 119 -23.02 4.71 -3.89
CA VAL B 119 -23.45 3.47 -3.21
C VAL B 119 -22.45 2.36 -3.42
N GLY B 120 -22.37 1.50 -2.41
CA GLY B 120 -21.40 0.41 -2.37
C GLY B 120 -21.83 -0.81 -3.14
N PHE B 121 -22.12 -0.62 -4.41
CA PHE B 121 -22.49 -1.71 -5.28
C PHE B 121 -21.24 -2.42 -5.81
N GLY B 122 -21.28 -3.73 -5.88
CA GLY B 122 -20.34 -4.45 -6.72
C GLY B 122 -20.59 -5.90 -6.46
N PHE B 123 -19.65 -6.74 -6.89
CA PHE B 123 -19.74 -8.20 -6.65
C PHE B 123 -18.48 -8.63 -5.94
N HIS B 124 -18.67 -9.46 -4.93
CA HIS B 124 -17.57 -10.02 -4.19
C HIS B 124 -17.81 -11.54 -4.11
N ASP B 125 -16.95 -12.34 -4.76
CA ASP B 125 -17.14 -13.78 -4.89
C ASP B 125 -15.89 -14.47 -4.43
N VAL B 126 -16.00 -15.74 -4.07
CA VAL B 126 -14.88 -16.54 -3.57
C VAL B 126 -14.76 -17.74 -4.49
N VAL B 127 -13.52 -18.16 -4.74
CA VAL B 127 -13.28 -19.35 -5.56
C VAL B 127 -12.63 -20.41 -4.67
N ILE B 128 -13.36 -21.48 -4.37
CA ILE B 128 -12.83 -22.59 -3.55
C ILE B 128 -12.10 -23.47 -4.49
N GLU B 129 -10.81 -23.60 -4.26
CA GLU B 129 -9.87 -24.20 -5.25
C GLU B 129 -9.67 -25.70 -5.06
N SER B 130 -10.18 -26.23 -3.95
CA SER B 130 -10.06 -27.66 -3.64
C SER B 130 -11.21 -28.18 -2.77
N PRO B 131 -11.64 -29.44 -2.98
CA PRO B 131 -12.53 -30.05 -1.98
C PRO B 131 -11.85 -30.37 -0.64
N VAL B 132 -10.54 -30.63 -0.70
CA VAL B 132 -9.74 -31.01 0.48
C VAL B 132 -9.11 -29.78 1.17
N HIS B 133 -9.24 -29.71 2.49
CA HIS B 133 -8.81 -28.57 3.25
C HIS B 133 -7.31 -28.32 3.14
N SER B 134 -6.55 -29.40 3.14
CA SER B 134 -5.11 -29.35 3.29
C SER B 134 -4.35 -29.18 1.98
N ILE B 135 -5.04 -29.33 0.84
CA ILE B 135 -4.45 -29.09 -0.49
C ILE B 135 -4.24 -27.59 -0.74
N GLN B 136 -3.04 -27.19 -1.13
CA GLN B 136 -2.79 -25.80 -1.55
C GLN B 136 -2.74 -25.67 -3.09
N LEU B 137 -2.91 -24.44 -3.57
CA LEU B 137 -2.97 -24.21 -5.00
C LEU B 137 -1.76 -24.80 -5.68
N SER B 138 -0.55 -24.41 -5.28
CA SER B 138 0.63 -24.99 -5.93
C SER B 138 0.67 -26.54 -5.97
N ASP B 139 -0.10 -27.22 -5.08
CA ASP B 139 -0.12 -28.74 -5.06
C ASP B 139 -0.95 -29.32 -6.21
N ILE B 140 -1.83 -28.51 -6.78
CA ILE B 140 -2.73 -28.96 -7.81
C ILE B 140 -1.93 -29.09 -9.09
N ASP B 141 -2.35 -29.98 -9.98
CA ASP B 141 -1.59 -30.20 -11.20
C ASP B 141 -1.97 -29.16 -12.26
N PRO B 142 -1.09 -28.93 -13.25
CA PRO B 142 -1.34 -27.90 -14.27
C PRO B 142 -2.75 -27.82 -14.82
N VAL B 143 -3.34 -28.97 -15.20
CA VAL B 143 -4.73 -29.04 -15.72
C VAL B 143 -5.73 -28.41 -14.74
N GLY B 144 -5.69 -28.85 -13.48
CA GLY B 144 -6.56 -28.33 -12.42
C GLY B 144 -6.37 -26.84 -12.14
N ILE B 145 -5.12 -26.38 -12.14
CA ILE B 145 -4.87 -24.98 -11.98
C ILE B 145 -5.49 -24.28 -13.19
N GLY B 146 -5.29 -24.84 -14.39
CA GLY B 146 -5.94 -24.30 -15.57
C GLY B 146 -7.46 -24.16 -15.41
N ASP B 147 -8.12 -25.14 -14.76
CA ASP B 147 -9.59 -25.16 -14.56
C ASP B 147 -10.02 -24.00 -13.63
N ILE B 148 -9.20 -23.70 -12.64
CA ILE B 148 -9.41 -22.56 -11.75
C ILE B 148 -9.29 -21.27 -12.55
N LEU B 149 -8.29 -21.19 -13.40
CA LEU B 149 -8.14 -20.03 -14.29
C LEU B 149 -9.32 -19.81 -15.27
N ILE B 150 -9.91 -20.91 -15.74
CA ILE B 150 -11.04 -20.86 -16.69
C ILE B 150 -12.32 -20.49 -15.93
N ALA B 151 -12.44 -20.96 -14.69
CA ALA B 151 -13.51 -20.54 -13.79
C ALA B 151 -13.49 -19.01 -13.51
N TYR B 152 -12.28 -18.43 -13.34
CA TYR B 152 -12.09 -16.96 -13.22
C TYR B 152 -12.66 -16.34 -14.47
N LYS B 153 -12.26 -16.90 -15.60
CA LYS B 153 -12.73 -16.43 -16.89
C LYS B 153 -14.26 -16.45 -17.01
N LYS B 154 -14.88 -17.57 -16.70
CA LYS B 154 -16.35 -17.73 -16.74
C LYS B 154 -17.12 -16.67 -15.91
N ARG B 155 -16.73 -16.51 -14.66
CA ARG B 155 -17.26 -15.49 -13.75
C ARG B 155 -17.06 -14.05 -14.24
N ILE B 156 -15.84 -13.68 -14.68
CA ILE B 156 -15.61 -12.37 -15.31
C ILE B 156 -16.65 -12.13 -16.43
N ASN B 157 -16.84 -13.13 -17.30
CA ASN B 157 -17.77 -13.01 -18.41
C ASN B 157 -19.25 -12.83 -17.96
N GLN B 158 -19.63 -13.47 -16.86
CA GLN B 158 -20.94 -13.22 -16.29
C GLN B 158 -21.05 -11.74 -15.84
N ILE B 159 -20.05 -11.29 -15.10
CA ILE B 159 -20.13 -10.00 -14.46
C ILE B 159 -20.15 -8.91 -15.49
N ALA B 160 -19.39 -9.11 -16.57
CA ALA B 160 -19.17 -8.12 -17.65
C ALA B 160 -20.44 -7.82 -18.43
N GLN B 161 -21.47 -8.62 -18.22
CA GLN B 161 -22.76 -8.29 -18.78
C GLN B 161 -23.39 -7.11 -18.08
N HIS B 162 -22.86 -6.72 -16.92
CA HIS B 162 -23.32 -5.52 -16.24
C HIS B 162 -22.55 -4.26 -16.60
N ASP B 163 -23.29 -3.33 -17.17
CA ASP B 163 -22.76 -2.04 -17.59
C ASP B 163 -22.29 -1.16 -16.43
N SER B 164 -22.79 -1.46 -15.23
CA SER B 164 -22.42 -0.76 -13.99
C SER B 164 -20.99 -1.06 -13.49
N ILE B 165 -20.41 -2.15 -13.99
CA ILE B 165 -19.10 -2.64 -13.56
C ILE B 165 -18.02 -2.19 -14.53
N ASN B 166 -16.95 -1.62 -13.96
CA ASN B 166 -15.87 -1.08 -14.80
C ASN B 166 -14.54 -1.78 -14.66
N TYR B 167 -14.38 -2.54 -13.60
CA TYR B 167 -13.14 -3.27 -13.43
C TYR B 167 -13.35 -4.46 -12.51
N ILE B 168 -12.80 -5.61 -12.88
CA ILE B 168 -12.87 -6.81 -12.04
C ILE B 168 -11.48 -7.25 -11.55
N GLN B 169 -11.28 -7.25 -10.22
CA GLN B 169 -9.99 -7.65 -9.62
C GLN B 169 -10.02 -9.09 -9.09
N VAL B 170 -9.25 -9.98 -9.73
CA VAL B 170 -9.04 -11.35 -9.24
C VAL B 170 -7.73 -11.35 -8.45
N PHE B 171 -7.72 -12.10 -7.36
CA PHE B 171 -6.58 -12.12 -6.48
C PHE B 171 -6.68 -13.32 -5.54
N LYS B 172 -5.55 -13.64 -4.91
CA LYS B 172 -5.45 -14.77 -4.01
C LYS B 172 -4.55 -14.36 -2.86
N ASN B 173 -4.98 -14.75 -1.66
CA ASN B 173 -4.25 -14.66 -0.42
C ASN B 173 -3.94 -16.10 0.04
N GLN B 174 -2.68 -16.40 0.32
CA GLN B 174 -2.31 -17.62 1.06
C GLN B 174 -1.44 -17.27 2.25
N GLY B 175 -1.87 -17.69 3.45
CA GLY B 175 -1.12 -17.39 4.69
C GLY B 175 -1.64 -16.19 5.45
N ALA B 176 -1.57 -16.30 6.77
CA ALA B 176 -2.13 -15.29 7.66
C ALA B 176 -1.51 -13.91 7.40
N SER B 177 -0.19 -13.82 7.19
CA SER B 177 0.46 -12.51 7.11
C SER B 177 0.24 -11.88 5.74
N ALA B 178 -0.20 -12.71 4.76
CA ALA B 178 -0.73 -12.22 3.48
C ALA B 178 -2.25 -11.88 3.53
N GLY B 179 -2.81 -11.84 4.74
CA GLY B 179 -4.19 -11.39 4.94
C GLY B 179 -5.25 -12.46 4.99
N ALA B 180 -4.85 -13.70 4.74
CA ALA B 180 -5.78 -14.86 4.73
C ALA B 180 -6.54 -15.07 6.05
N SER B 181 -7.84 -15.28 5.94
CA SER B 181 -8.65 -15.61 7.12
C SER B 181 -9.17 -17.07 7.04
N MET B 182 -9.35 -17.59 5.84
CA MET B 182 -9.66 -19.00 5.70
C MET B 182 -8.40 -19.76 5.33
N SER B 183 -8.08 -20.80 6.09
CA SER B 183 -6.87 -21.59 5.78
C SER B 183 -7.10 -22.52 4.60
N HIS B 184 -8.36 -22.74 4.23
CA HIS B 184 -8.67 -23.57 3.09
C HIS B 184 -8.13 -22.83 1.86
N SER B 185 -7.78 -23.55 0.81
CA SER B 185 -7.19 -22.90 -0.38
C SER B 185 -8.30 -22.23 -1.23
N GLY B 186 -8.26 -20.90 -1.32
CA GLY B 186 -9.26 -20.18 -2.10
C GLY B 186 -8.60 -18.93 -2.64
N SER B 187 -9.24 -18.32 -3.66
CA SER B 187 -8.91 -17.01 -4.21
C SER B 187 -10.23 -16.20 -4.30
N GLN B 188 -10.21 -14.98 -4.82
CA GLN B 188 -11.41 -14.13 -4.70
C GLN B 188 -11.51 -13.23 -5.91
N MET B 189 -12.73 -12.72 -6.17
CA MET B 189 -12.96 -11.73 -7.24
C MET B 189 -13.82 -10.59 -6.70
N MET B 190 -13.45 -9.40 -7.11
CA MET B 190 -14.12 -8.22 -6.64
C MET B 190 -14.40 -7.33 -7.85
N ALA B 191 -15.69 -7.26 -8.25
CA ALA B 191 -16.18 -6.34 -9.27
C ALA B 191 -16.51 -4.93 -8.74
N LEU B 192 -15.93 -3.94 -9.40
CA LEU B 192 -15.92 -2.54 -8.93
C LEU B 192 -16.69 -1.65 -9.87
N PRO B 193 -17.45 -0.70 -9.32
CA PRO B 193 -18.16 0.21 -10.24
C PRO B 193 -17.22 1.25 -10.86
N VAL B 194 -15.97 1.34 -10.37
CA VAL B 194 -14.99 2.37 -10.81
C VAL B 194 -13.63 1.76 -11.17
N VAL B 195 -12.91 2.36 -12.11
CA VAL B 195 -11.53 1.96 -12.40
C VAL B 195 -10.59 2.43 -11.25
N PRO B 196 -9.98 1.47 -10.54
CA PRO B 196 -9.20 1.79 -9.33
C PRO B 196 -7.82 2.37 -9.70
N PRO B 197 -7.10 2.95 -8.72
CA PRO B 197 -5.86 3.69 -9.12
C PRO B 197 -4.68 2.94 -9.82
N THR B 198 -4.44 1.65 -9.55
CA THR B 198 -3.31 0.97 -10.23
C THR B 198 -3.59 0.88 -11.72
N VAL B 199 -4.87 0.75 -12.06
CA VAL B 199 -5.31 0.63 -13.45
C VAL B 199 -5.23 1.98 -14.19
N SER B 200 -5.81 3.03 -13.61
CA SER B 200 -5.53 4.41 -14.07
C SER B 200 -4.02 4.65 -14.27
N SER B 201 -3.19 4.33 -13.26
CA SER B 201 -1.72 4.54 -13.36
C SER B 201 -1.06 3.78 -14.51
N ARG B 202 -1.44 2.52 -14.65
CA ARG B 202 -0.95 1.63 -15.71
C ARG B 202 -1.38 2.10 -17.10
N LEU B 203 -2.64 2.45 -17.24
CA LEU B 203 -3.10 3.08 -18.48
C LEU B 203 -2.35 4.33 -18.86
N ASP B 204 -2.03 5.20 -17.90
CA ASP B 204 -1.25 6.44 -18.19
C ASP B 204 0.19 6.09 -18.55
N GLY B 205 0.83 5.22 -17.77
CA GLY B 205 2.24 4.86 -17.96
C GLY B 205 2.46 4.15 -19.27
N THR B 206 1.65 3.11 -19.55
CA THR B 206 1.68 2.38 -20.83
C THR B 206 1.31 3.21 -22.10
N LYS B 207 0.37 4.14 -21.99
CA LYS B 207 0.09 5.13 -23.04
C LYS B 207 1.33 5.97 -23.33
N ASP B 208 1.94 6.56 -22.29
CA ASP B 208 3.13 7.42 -22.49
C ASP B 208 4.27 6.68 -23.20
N TYR B 209 4.41 5.40 -22.87
CA TYR B 209 5.48 4.57 -23.41
C TYR B 209 5.24 4.19 -24.88
N PHE B 210 3.99 3.81 -25.18
CA PHE B 210 3.52 3.64 -26.53
C PHE B 210 3.70 4.88 -27.40
N GLU B 211 3.28 6.04 -26.90
CA GLU B 211 3.51 7.27 -27.65
C GLU B 211 4.98 7.64 -27.85
N GLU B 212 5.86 7.41 -26.88
CA GLU B 212 7.26 7.75 -27.10
C GLU B 212 8.03 6.73 -27.97
N THR B 213 7.63 5.45 -27.95
CA THR B 213 8.43 4.42 -28.58
C THR B 213 7.69 3.60 -29.65
N GLY B 214 6.37 3.76 -29.69
CA GLY B 214 5.55 2.99 -30.58
C GLY B 214 5.28 1.59 -30.09
N LYS B 215 5.77 1.27 -28.88
CA LYS B 215 5.77 -0.12 -28.43
C LYS B 215 4.98 -0.41 -27.14
N CYS B 216 4.41 -1.61 -27.08
CA CYS B 216 3.81 -2.13 -25.87
C CYS B 216 4.93 -2.61 -24.94
N CYS B 217 5.08 -1.99 -23.76
CA CYS B 217 6.20 -2.33 -22.88
C CYS B 217 6.22 -3.80 -22.43
N LEU B 218 5.05 -4.43 -22.34
CA LEU B 218 4.93 -5.82 -21.92
C LEU B 218 5.20 -6.78 -23.04
N CYS B 219 4.98 -6.34 -24.30
CA CYS B 219 5.37 -7.23 -25.43
C CYS B 219 6.89 -7.36 -25.49
N GLU B 220 7.55 -6.41 -24.85
CA GLU B 220 8.97 -6.38 -24.80
C GLU B 220 9.49 -6.86 -23.46
N ALA B 221 8.74 -7.72 -22.79
CA ALA B 221 9.09 -8.10 -21.43
C ALA B 221 10.48 -8.79 -21.38
N LYS B 222 10.86 -9.51 -22.44
CA LYS B 222 12.13 -10.26 -22.39
C LYS B 222 13.34 -9.36 -22.44
N SER B 223 13.16 -8.15 -22.97
CA SER B 223 14.25 -7.22 -23.07
C SER B 223 14.17 -6.14 -22.01
N LYS B 224 12.98 -5.96 -21.45
CA LYS B 224 12.80 -4.86 -20.48
C LYS B 224 12.93 -5.34 -19.04
N HIS B 225 12.69 -6.66 -18.83
CA HIS B 225 12.70 -7.27 -17.51
C HIS B 225 13.65 -8.50 -17.43
N PHE B 226 13.71 -9.17 -16.27
CA PHE B 226 14.66 -10.25 -16.08
C PHE B 226 14.03 -11.63 -16.16
N VAL B 227 14.28 -12.33 -17.27
CA VAL B 227 13.66 -13.64 -17.49
C VAL B 227 14.03 -14.73 -16.48
N ILE B 228 13.00 -15.38 -15.95
CA ILE B 228 13.16 -16.46 -15.02
C ILE B 228 12.86 -17.78 -15.76
N ASP B 229 11.65 -17.89 -16.31
CA ASP B 229 11.19 -19.12 -16.95
C ASP B 229 10.20 -18.75 -18.06
N GLU B 230 9.94 -19.69 -18.94
CA GLU B 230 9.11 -19.42 -20.08
C GLU B 230 8.36 -20.71 -20.37
N SER B 231 7.12 -20.60 -20.82
CA SER B 231 6.34 -21.74 -21.16
C SER B 231 6.00 -21.50 -22.62
N SER B 232 5.03 -22.24 -23.16
CA SER B 232 4.73 -22.08 -24.60
C SER B 232 4.14 -20.71 -24.89
N HIS B 233 3.28 -20.19 -23.99
CA HIS B 233 2.59 -18.91 -24.24
C HIS B 233 2.84 -17.80 -23.24
N PHE B 234 3.55 -18.13 -22.16
CA PHE B 234 3.82 -17.16 -21.09
C PHE B 234 5.29 -17.12 -20.75
N VAL B 235 5.72 -15.99 -20.24
CA VAL B 235 7.05 -15.88 -19.69
C VAL B 235 6.89 -15.27 -18.27
N SER B 236 7.73 -15.70 -17.33
CA SER B 236 7.82 -15.09 -16.02
C SER B 236 9.15 -14.34 -15.92
N VAL B 237 9.07 -13.14 -15.34
CA VAL B 237 10.19 -12.21 -15.21
C VAL B 237 10.18 -11.72 -13.77
N ALA B 238 11.34 -11.26 -13.29
CA ALA B 238 11.47 -10.38 -12.13
C ALA B 238 11.40 -8.97 -12.70
N PRO B 239 10.37 -8.19 -12.31
CA PRO B 239 10.10 -6.90 -12.94
C PRO B 239 11.23 -5.92 -12.69
N PHE B 240 11.65 -5.27 -13.75
CA PHE B 240 12.77 -4.31 -13.68
C PHE B 240 12.64 -3.32 -12.50
N ALA B 241 11.44 -2.70 -12.35
CA ALA B 241 11.16 -1.68 -11.28
C ALA B 241 10.17 -2.20 -10.23
N ALA B 242 10.43 -3.44 -9.87
CA ALA B 242 9.69 -4.25 -8.89
C ALA B 242 9.38 -3.53 -7.60
N THR B 243 8.12 -3.59 -7.22
CA THR B 243 7.70 -2.95 -6.00
C THR B 243 8.22 -3.72 -4.79
N TYR B 244 8.13 -5.03 -4.82
CA TYR B 244 8.41 -5.88 -3.65
C TYR B 244 9.59 -6.85 -3.92
N PRO B 245 10.35 -7.25 -2.87
CA PRO B 245 11.42 -8.20 -3.10
C PRO B 245 10.83 -9.54 -3.56
N PHE B 246 11.50 -10.19 -4.55
CA PHE B 246 11.11 -11.49 -5.15
C PHE B 246 9.71 -11.45 -5.82
N GLU B 247 9.19 -10.25 -6.10
CA GLU B 247 8.01 -10.10 -6.93
C GLU B 247 8.27 -10.77 -8.31
N ILE B 248 7.23 -11.37 -8.90
CA ILE B 248 7.35 -12.08 -10.17
C ILE B 248 6.14 -11.72 -11.01
N TRP B 249 6.34 -11.48 -12.31
CA TRP B 249 5.21 -11.27 -13.21
C TRP B 249 5.21 -12.41 -14.18
N ILE B 250 4.05 -13.01 -14.39
CA ILE B 250 3.85 -13.96 -15.45
C ILE B 250 3.03 -13.25 -16.54
N ILE B 251 3.54 -13.30 -17.79
CA ILE B 251 3.07 -12.40 -18.83
C ILE B 251 2.80 -13.16 -20.12
N PRO B 252 1.59 -12.96 -20.72
CA PRO B 252 1.36 -13.56 -22.07
C PRO B 252 2.38 -13.07 -23.05
N LYS B 253 2.98 -13.99 -23.79
CA LYS B 253 3.95 -13.58 -24.87
C LYS B 253 3.22 -12.93 -26.03
N ASP B 254 2.00 -13.36 -26.31
CA ASP B 254 1.18 -12.69 -27.34
C ASP B 254 0.59 -11.41 -26.78
N HIS B 255 0.39 -10.39 -27.60
CA HIS B 255 -0.29 -9.19 -27.08
C HIS B 255 -1.74 -9.50 -26.76
N SER B 256 -2.10 -9.37 -25.50
CA SER B 256 -3.41 -9.77 -25.06
C SER B 256 -3.89 -8.81 -23.99
N SER B 257 -5.01 -8.13 -24.27
CA SER B 257 -5.49 -7.05 -23.40
C SER B 257 -6.27 -7.52 -22.18
N HIS B 258 -7.09 -8.57 -22.35
CA HIS B 258 -7.96 -9.10 -21.29
C HIS B 258 -7.50 -10.45 -20.92
N PHE B 259 -7.41 -10.69 -19.61
CA PHE B 259 -7.22 -12.01 -19.06
C PHE B 259 -8.32 -12.95 -19.55
N HIS B 260 -9.57 -12.45 -19.52
CA HIS B 260 -10.74 -13.30 -19.87
C HIS B 260 -10.73 -13.87 -21.29
N HIS B 261 -9.89 -13.33 -22.17
CA HIS B 261 -9.59 -13.93 -23.48
C HIS B 261 -8.74 -15.23 -23.42
N LEU B 262 -8.24 -15.59 -22.25
CA LEU B 262 -7.61 -16.91 -22.02
C LEU B 262 -8.38 -18.09 -22.66
N ASP B 263 -7.68 -18.99 -23.36
CA ASP B 263 -8.30 -20.20 -23.87
C ASP B 263 -7.80 -21.44 -23.11
N ASP B 264 -8.38 -22.59 -23.42
CA ASP B 264 -8.13 -23.84 -22.70
C ASP B 264 -6.66 -24.23 -22.71
N VAL B 265 -6.08 -24.27 -23.91
CA VAL B 265 -4.65 -24.55 -24.11
C VAL B 265 -3.77 -23.55 -23.34
N LYS B 266 -4.04 -22.24 -23.48
CA LYS B 266 -3.24 -21.28 -22.73
C LYS B 266 -3.44 -21.41 -21.21
N ALA B 267 -4.65 -21.77 -20.75
CA ALA B 267 -4.91 -22.01 -19.31
C ALA B 267 -4.07 -23.10 -18.64
N VAL B 268 -3.91 -24.24 -19.31
CA VAL B 268 -3.03 -25.30 -18.84
C VAL B 268 -1.56 -24.90 -18.92
N ASP B 269 -1.19 -24.18 -19.95
CA ASP B 269 0.18 -23.73 -20.05
C ASP B 269 0.50 -22.68 -18.96
N LEU B 270 -0.42 -21.76 -18.72
CA LEU B 270 -0.26 -20.80 -17.63
C LEU B 270 -0.31 -21.47 -16.27
N GLY B 271 -1.17 -22.47 -16.11
CA GLY B 271 -1.27 -23.19 -14.86
C GLY B 271 0.05 -23.87 -14.50
N GLY B 272 0.73 -24.45 -15.50
CA GLY B 272 2.04 -25.07 -15.25
C GLY B 272 3.06 -24.01 -14.89
N LEU B 273 3.03 -22.86 -15.58
CA LEU B 273 4.02 -21.81 -15.27
C LEU B 273 3.78 -21.15 -13.89
N LEU B 274 2.51 -20.98 -13.54
CA LEU B 274 2.11 -20.43 -12.24
C LEU B 274 2.55 -21.33 -11.10
N LYS B 275 2.35 -22.64 -11.28
CA LYS B 275 2.74 -23.68 -10.33
C LYS B 275 4.25 -23.71 -10.14
N LEU B 276 4.98 -23.68 -11.25
CA LEU B 276 6.43 -23.60 -11.18
C LEU B 276 6.89 -22.40 -10.38
N MET B 277 6.37 -21.21 -10.72
CA MET B 277 6.76 -20.02 -9.99
C MET B 277 6.42 -20.14 -8.49
N LEU B 278 5.25 -20.71 -8.16
CA LEU B 278 4.84 -20.88 -6.73
C LEU B 278 5.74 -21.89 -5.99
N GLN B 279 6.08 -22.98 -6.66
CA GLN B 279 6.94 -24.03 -6.10
C GLN B 279 8.40 -23.61 -5.93
N LYS B 280 8.90 -22.82 -6.88
CA LYS B 280 10.23 -22.20 -6.78
C LYS B 280 10.27 -21.15 -5.67
N ILE B 281 9.18 -20.39 -5.51
CA ILE B 281 9.06 -19.46 -4.39
C ILE B 281 9.05 -20.23 -3.05
N ALA B 282 8.29 -21.32 -3.01
CA ALA B 282 8.09 -22.09 -1.76
C ALA B 282 9.44 -22.63 -1.28
N LYS B 283 10.18 -23.27 -2.20
CA LYS B 283 11.52 -23.76 -1.95
C LYS B 283 12.55 -22.69 -1.56
N GLN B 284 12.84 -21.77 -2.48
CA GLN B 284 13.87 -20.75 -2.28
C GLN B 284 13.67 -19.87 -1.03
N LEU B 285 12.43 -19.52 -0.75
CA LEU B 285 12.13 -18.52 0.31
C LEU B 285 11.46 -19.13 1.54
N ASN B 286 11.47 -20.47 1.61
CA ASN B 286 11.01 -21.27 2.77
C ASN B 286 9.52 -21.13 3.05
N ASP B 287 8.73 -21.41 2.02
CA ASP B 287 7.28 -21.35 2.04
C ASP B 287 6.74 -20.09 2.72
N PRO B 288 7.04 -18.90 2.14
CA PRO B 288 6.41 -17.74 2.74
C PRO B 288 4.95 -17.69 2.30
N PRO B 289 4.12 -16.87 2.98
CA PRO B 289 2.82 -16.53 2.47
C PRO B 289 3.00 -15.71 1.19
N TYR B 290 1.93 -15.52 0.44
CA TYR B 290 2.00 -14.71 -0.78
C TYR B 290 0.61 -14.22 -1.13
N ASN B 291 0.59 -13.26 -2.05
CA ASN B 291 -0.62 -12.79 -2.71
C ASN B 291 -0.31 -12.86 -4.19
N TYR B 292 -1.33 -13.20 -5.00
CA TYR B 292 -1.22 -12.94 -6.44
C TYR B 292 -2.45 -12.15 -6.95
N MET B 293 -2.27 -11.42 -8.06
CA MET B 293 -3.22 -10.42 -8.47
C MET B 293 -3.18 -10.50 -10.01
N ILE B 294 -4.31 -10.75 -10.65
CA ILE B 294 -4.37 -10.56 -12.13
C ILE B 294 -4.60 -9.06 -12.44
N HIS B 295 -3.76 -8.50 -13.31
CA HIS B 295 -3.91 -7.13 -13.83
C HIS B 295 -4.40 -7.18 -15.25
N THR B 296 -5.59 -6.62 -15.48
CA THR B 296 -6.27 -6.84 -16.72
C THR B 296 -6.81 -5.53 -17.22
N SER B 297 -7.71 -5.59 -18.20
CA SER B 297 -8.20 -4.42 -18.88
C SER B 297 -9.49 -3.95 -18.19
N PRO B 298 -9.72 -2.62 -18.15
CA PRO B 298 -11.07 -2.14 -17.79
C PRO B 298 -12.11 -2.76 -18.69
N LEU B 299 -13.34 -2.84 -18.23
CA LEU B 299 -14.32 -3.47 -19.08
C LEU B 299 -14.62 -2.62 -20.32
N LYS B 300 -14.52 -1.30 -20.16
CA LYS B 300 -14.91 -0.36 -21.21
C LYS B 300 -13.68 0.23 -21.88
N VAL B 301 -12.63 -0.56 -21.94
CA VAL B 301 -11.40 -0.14 -22.57
C VAL B 301 -11.73 0.29 -24.01
N THR B 302 -11.11 1.38 -24.45
CA THR B 302 -11.40 1.97 -25.74
C THR B 302 -10.50 1.29 -26.77
N GLU B 303 -10.85 1.40 -28.05
CA GLU B 303 -10.03 0.78 -29.05
C GLU B 303 -8.63 1.39 -29.02
N SER B 304 -8.55 2.72 -28.84
CA SER B 304 -7.27 3.39 -28.84
C SER B 304 -6.35 2.97 -27.66
N GLN B 305 -6.90 2.41 -26.60
CA GLN B 305 -6.08 1.91 -25.50
C GLN B 305 -5.50 0.55 -25.80
N LEU B 306 -6.15 -0.21 -26.69
CA LEU B 306 -5.81 -1.63 -26.91
C LEU B 306 -4.36 -1.94 -27.23
N PRO B 307 -3.68 -1.12 -28.08
CA PRO B 307 -2.32 -1.51 -28.50
C PRO B 307 -1.26 -1.57 -27.38
N TYR B 308 -1.49 -0.88 -26.26
CA TYR B 308 -0.52 -0.81 -25.18
C TYR B 308 -1.12 -1.35 -23.87
N THR B 309 -2.29 -1.99 -23.99
CA THR B 309 -2.96 -2.66 -22.86
C THR B 309 -2.72 -4.16 -22.99
N HIS B 310 -2.01 -4.69 -22.00
CA HIS B 310 -1.53 -6.06 -22.02
C HIS B 310 -1.61 -6.63 -20.56
N TRP B 311 -2.50 -7.61 -20.34
CA TRP B 311 -2.70 -8.24 -19.02
C TRP B 311 -1.50 -9.06 -18.50
N PHE B 312 -1.44 -9.30 -17.18
CA PHE B 312 -0.34 -10.09 -16.56
C PHE B 312 -0.77 -10.51 -15.18
N LEU B 313 -0.04 -11.46 -14.64
CA LEU B 313 -0.27 -12.00 -13.30
C LEU B 313 0.91 -11.64 -12.42
N GLN B 314 0.63 -11.03 -11.28
CA GLN B 314 1.65 -10.52 -10.34
C GLN B 314 1.63 -11.35 -9.07
N ILE B 315 2.78 -11.87 -8.66
CA ILE B 315 2.89 -12.73 -7.48
C ILE B 315 3.81 -12.02 -6.54
N VAL B 316 3.33 -11.79 -5.32
CA VAL B 316 4.13 -11.13 -4.32
C VAL B 316 4.29 -12.05 -3.09
N PRO B 317 5.48 -12.63 -2.92
CA PRO B 317 5.72 -13.37 -1.67
C PRO B 317 5.70 -12.39 -0.49
N GLN B 318 5.13 -12.81 0.63
CA GLN B 318 4.97 -11.86 1.73
C GLN B 318 6.21 -11.92 2.61
N LEU B 319 7.08 -10.92 2.49
CA LEU B 319 8.40 -11.00 3.12
C LEU B 319 8.59 -10.00 4.23
N SER B 320 8.00 -8.81 4.12
CA SER B 320 7.75 -7.96 5.30
C SER B 320 6.67 -6.88 5.05
N GLY B 321 6.38 -6.10 6.08
CA GLY B 321 5.40 -5.03 5.99
C GLY B 321 6.08 -3.73 5.61
N VAL B 322 5.33 -2.64 5.75
CA VAL B 322 5.75 -1.31 5.33
C VAL B 322 5.64 -0.46 6.59
N GLY B 323 6.16 0.75 6.52
CA GLY B 323 6.12 1.63 7.62
C GLY B 323 5.56 2.92 7.14
N GLY B 324 5.86 3.99 7.86
CA GLY B 324 5.39 5.31 7.54
C GLY B 324 5.86 5.92 6.24
N PHE B 325 7.01 5.47 5.74
CA PHE B 325 7.53 6.08 4.49
C PHE B 325 6.57 5.77 3.35
N GLU B 326 6.18 4.50 3.27
CA GLU B 326 5.36 3.96 2.20
C GLU B 326 3.92 4.43 2.27
N ILE B 327 3.34 4.39 3.47
CA ILE B 327 2.01 4.97 3.76
C ILE B 327 2.00 6.47 3.40
N GLY B 328 3.08 7.19 3.74
CA GLY B 328 3.16 8.63 3.43
C GLY B 328 3.30 9.02 1.95
N THR B 329 4.07 8.25 1.19
CA THR B 329 4.49 8.65 -0.12
C THR B 329 3.91 7.80 -1.26
N GLY B 330 3.54 6.57 -1.02
CA GLY B 330 3.16 5.65 -2.13
C GLY B 330 4.38 5.14 -2.89
N CYS B 331 5.55 5.27 -2.27
CA CYS B 331 6.80 4.83 -2.87
C CYS B 331 7.27 3.71 -1.96
N TYR B 332 7.79 2.64 -2.56
CA TYR B 332 8.20 1.48 -1.80
C TYR B 332 9.72 1.42 -1.78
N ILE B 333 10.26 0.55 -0.91
CA ILE B 333 11.71 0.34 -0.82
C ILE B 333 11.93 -1.15 -1.00
N ASN B 334 12.71 -1.54 -2.02
CA ASN B 334 13.00 -2.95 -2.29
C ASN B 334 14.45 -3.32 -1.99
N PRO B 335 14.66 -4.30 -1.08
CA PRO B 335 16.01 -4.70 -0.69
C PRO B 335 16.73 -5.65 -1.65
N VAL B 336 16.03 -6.16 -2.68
CA VAL B 336 16.63 -7.10 -3.63
C VAL B 336 16.42 -6.60 -5.06
N PHE B 337 17.51 -6.44 -5.81
CA PHE B 337 17.44 -6.11 -7.23
C PHE B 337 16.91 -7.30 -8.01
N PRO B 338 16.04 -7.05 -8.99
CA PRO B 338 15.45 -8.12 -9.81
C PRO B 338 16.48 -8.97 -10.58
N GLU B 339 17.61 -8.37 -10.98
CA GLU B 339 18.80 -9.08 -11.52
C GLU B 339 19.14 -10.24 -10.61
N ASP B 340 19.18 -9.99 -9.31
CA ASP B 340 19.52 -11.05 -8.38
C ASP B 340 18.39 -12.04 -8.17
N VAL B 341 17.15 -11.54 -8.21
CA VAL B 341 16.00 -12.44 -8.09
C VAL B 341 16.00 -13.42 -9.24
N ALA B 342 16.19 -12.92 -10.46
CA ALA B 342 16.09 -13.78 -11.63
C ALA B 342 17.18 -14.85 -11.62
N LYS B 343 18.42 -14.43 -11.37
CA LYS B 343 19.55 -15.34 -11.24
C LYS B 343 19.22 -16.48 -10.26
N VAL B 344 18.95 -16.12 -9.00
CA VAL B 344 18.55 -17.10 -8.00
C VAL B 344 17.39 -17.98 -8.44
N MET B 345 16.37 -17.41 -9.06
CA MET B 345 15.17 -18.18 -9.35
C MET B 345 15.33 -19.12 -10.55
N ARG B 346 16.22 -18.73 -11.46
CA ARG B 346 16.64 -19.57 -12.57
C ARG B 346 17.38 -20.80 -12.05
N GLU B 347 18.23 -20.59 -11.05
CA GLU B 347 19.00 -21.68 -10.44
C GLU B 347 18.19 -22.64 -9.56
N VAL B 348 16.92 -22.34 -9.26
CA VAL B 348 16.14 -23.21 -8.39
C VAL B 348 15.87 -24.53 -9.09
N SER B 349 16.16 -25.63 -8.39
CA SER B 349 15.94 -26.99 -8.90
C SER B 349 14.85 -27.64 -8.07
N LEU B 350 13.81 -28.15 -8.72
CA LEU B 350 12.69 -28.74 -7.99
C LEU B 350 12.75 -30.24 -7.99
N THR B 351 13.96 -30.76 -8.11
CA THR B 351 14.23 -32.18 -7.93
C THR B 351 15.14 -32.28 -6.68
#